data_5I77
#
_entry.id   5I77
#
_cell.length_a   63.096
_cell.length_b   63.096
_cell.length_c   148.214
_cell.angle_alpha   90.000
_cell.angle_beta   90.000
_cell.angle_gamma   90.000
#
_symmetry.space_group_name_H-M   'P 41 21 2'
#
loop_
_entity.id
_entity.type
_entity.pdbx_description
1 polymer 'Endo-beta-1, 4-glucanase'
2 non-polymer 'CALCIUM ION'
3 non-polymer 'TRIETHYLENE GLYCOL'
4 non-polymer DI(HYDROXYETHYL)ETHER
5 non-polymer 2-acetamido-2-deoxy-beta-D-glucopyranose
6 water water
#
_entity_poly.entity_id   1
_entity_poly.type   'polypeptide(L)'
_entity_poly.pdbx_seq_one_letter_code
;VFEWFGSNESGAEFGTNIPGVWGTDYIFPDPSAISTLIDKGMNFFRVQFMMERLLPDSMTGSYDEEYLANLTTVIKAVTD
GGAHALVDPHNYGRYNGEIISSTSDFQTFWENLAGQYKDNDLVMFDTNNEYHDMDQDLVLNLNQAAINGIRAAGATSQYI
FVEGNSWTGAWTWVDVNDNMKNLTDPEDKIVYEMHQYLDSDGSGTSETCVSETIGKERVTEATQWLKDNKKVGFIGEYAG
GSNDVCRSAVSGMLEYMANNTDVWKGASWWAAGPWWGDYIFSLEPPDGTAYTGMLDILEAYL
;
_entity_poly.pdbx_strand_id   A
#
loop_
_chem_comp.id
_chem_comp.type
_chem_comp.name
_chem_comp.formula
CA non-polymer 'CALCIUM ION' 'Ca 2'
NAG D-saccharide, beta linking 2-acetamido-2-deoxy-beta-D-glucopyranose 'C8 H15 N O6'
PEG non-polymer DI(HYDROXYETHYL)ETHER 'C4 H10 O3'
PGE non-polymer 'TRIETHYLENE GLYCOL' 'C6 H14 O4'
#
# COMPACT_ATOMS: atom_id res chain seq x y z
N VAL A 1 19.16 3.35 3.49
CA VAL A 1 18.65 4.69 2.93
C VAL A 1 17.30 5.01 3.49
N PHE A 2 16.32 4.17 3.16
CA PHE A 2 14.96 4.23 3.72
C PHE A 2 14.77 3.17 4.72
N GLU A 3 13.82 3.32 5.63
CA GLU A 3 13.46 2.28 6.57
C GLU A 3 12.97 1.05 5.80
N TRP A 4 12.03 1.25 4.85
CA TRP A 4 11.43 0.16 4.14
C TRP A 4 11.45 0.43 2.66
N PHE A 5 11.78 -0.58 1.84
CA PHE A 5 11.85 -0.38 0.41
C PHE A 5 11.52 -1.70 -0.29
N GLY A 6 10.44 -1.69 -1.08
CA GLY A 6 9.93 -2.90 -1.64
C GLY A 6 8.90 -2.79 -2.73
N SER A 7 7.91 -3.68 -2.64
CA SER A 7 7.00 -3.85 -3.74
C SER A 7 5.64 -4.26 -3.28
N ASN A 8 4.64 -3.90 -4.08
CA ASN A 8 3.29 -4.44 -3.89
C ASN A 8 3.25 -5.88 -4.40
N GLU A 9 2.36 -6.68 -3.84
CA GLU A 9 2.18 -8.08 -4.21
C GLU A 9 0.69 -8.28 -4.38
N SER A 10 0.29 -8.23 -5.63
CA SER A 10 -1.09 -8.15 -6.04
C SER A 10 -1.56 -9.45 -6.67
N GLY A 11 -2.87 -9.64 -6.62
CA GLY A 11 -3.51 -10.81 -7.18
C GLY A 11 -4.77 -11.18 -6.45
N ALA A 12 -4.75 -11.15 -5.13
CA ALA A 12 -5.89 -11.61 -4.36
C ALA A 12 -7.11 -10.69 -4.41
N GLU A 13 -6.94 -9.51 -4.99
CA GLU A 13 -7.98 -8.55 -5.13
C GLU A 13 -8.38 -8.43 -6.56
N PHE A 14 -7.83 -9.27 -7.43
CA PHE A 14 -8.10 -9.15 -8.88
C PHE A 14 -9.56 -9.55 -9.20
N GLY A 15 -10.03 -9.16 -10.38
CA GLY A 15 -11.38 -9.47 -10.79
C GLY A 15 -12.46 -8.61 -10.16
N THR A 16 -13.65 -8.73 -10.72
CA THR A 16 -14.86 -8.05 -10.28
C THR A 16 -15.71 -8.99 -9.46
N ASN A 17 -15.74 -10.26 -9.85
CA ASN A 17 -16.61 -11.21 -9.20
C ASN A 17 -16.29 -11.43 -7.77
N ILE A 18 -17.31 -11.26 -6.95
CA ILE A 18 -17.26 -11.58 -5.54
C ILE A 18 -17.87 -12.94 -5.35
N PRO A 19 -17.54 -13.58 -4.22
CA PRO A 19 -16.61 -14.67 -4.18
C PRO A 19 -15.52 -14.55 -5.27
N GLY A 20 -15.91 -14.70 -6.52
CA GLY A 20 -15.00 -15.16 -7.54
C GLY A 20 -14.43 -16.51 -7.13
N VAL A 21 -13.68 -17.12 -8.00
CA VAL A 21 -13.12 -18.37 -7.57
C VAL A 21 -11.64 -18.29 -7.83
N TRP A 22 -10.90 -18.85 -6.90
CA TRP A 22 -9.45 -18.89 -6.99
C TRP A 22 -9.10 -19.51 -8.29
N GLY A 23 -8.09 -18.99 -8.94
CA GLY A 23 -7.65 -19.58 -10.17
C GLY A 23 -8.41 -19.08 -11.37
N THR A 24 -9.58 -18.47 -11.20
CA THR A 24 -10.15 -17.83 -12.38
C THR A 24 -10.45 -16.31 -12.23
N ASP A 25 -10.88 -15.86 -11.06
CA ASP A 25 -10.99 -14.43 -10.80
C ASP A 25 -9.74 -13.83 -10.07
N TYR A 26 -9.09 -14.64 -9.23
CA TYR A 26 -7.98 -14.13 -8.44
C TYR A 26 -6.99 -15.22 -8.11
N ILE A 27 -5.78 -14.80 -7.71
CA ILE A 27 -4.75 -15.70 -7.23
C ILE A 27 -4.03 -15.02 -6.06
N PHE A 28 -3.28 -15.76 -5.25
CA PHE A 28 -2.44 -15.14 -4.24
C PHE A 28 -1.05 -15.03 -4.75
N PRO A 29 -0.32 -14.04 -4.26
CA PRO A 29 1.09 -14.01 -4.60
C PRO A 29 1.87 -15.31 -4.37
N ASP A 30 2.96 -15.42 -5.12
CA ASP A 30 3.81 -16.63 -5.12
C ASP A 30 5.06 -16.44 -4.22
N PRO A 31 5.19 -17.17 -3.11
CA PRO A 31 6.29 -17.09 -2.16
C PRO A 31 7.67 -17.22 -2.79
N SER A 32 7.81 -18.00 -3.85
CA SER A 32 9.11 -18.04 -4.53
C SER A 32 9.45 -16.73 -5.16
N ALA A 33 8.45 -16.07 -5.78
CA ALA A 33 8.72 -14.81 -6.49
C ALA A 33 8.99 -13.70 -5.46
N ILE A 34 8.34 -13.78 -4.33
CA ILE A 34 8.68 -12.94 -3.20
C ILE A 34 10.09 -13.19 -2.72
N SER A 35 10.43 -14.48 -2.55
CA SER A 35 11.78 -14.80 -2.04
C SER A 35 12.84 -14.26 -2.96
N THR A 36 12.56 -14.31 -4.26
CA THR A 36 13.43 -13.78 -5.25
C THR A 36 13.60 -12.28 -5.10
N LEU A 37 12.50 -11.52 -4.88
CA LEU A 37 12.67 -10.07 -4.61
C LEU A 37 13.39 -9.78 -3.26
N ILE A 38 13.18 -10.60 -2.24
CA ILE A 38 13.91 -10.48 -1.00
C ILE A 38 15.43 -10.68 -1.22
N ASP A 39 15.76 -11.63 -2.09
CA ASP A 39 17.18 -11.83 -2.49
C ASP A 39 17.81 -10.67 -3.22
N LYS A 40 16.98 -9.89 -3.90
CA LYS A 40 17.42 -8.67 -4.55
C LYS A 40 17.63 -7.56 -3.50
N GLY A 41 17.23 -7.80 -2.25
CA GLY A 41 17.38 -6.84 -1.15
C GLY A 41 16.10 -6.19 -0.57
N MET A 42 14.92 -6.47 -1.14
CA MET A 42 13.69 -5.82 -0.67
C MET A 42 13.29 -6.31 0.70
N ASN A 43 12.83 -5.38 1.52
CA ASN A 43 12.48 -5.69 2.87
C ASN A 43 11.06 -5.34 3.35
N PHE A 44 10.24 -5.07 2.35
CA PHE A 44 8.88 -4.59 2.52
C PHE A 44 8.01 -5.11 1.39
N PHE A 45 6.89 -5.73 1.75
CA PHE A 45 5.87 -6.15 0.78
C PHE A 45 4.49 -5.70 1.18
N ARG A 46 3.78 -5.03 0.26
CA ARG A 46 2.41 -4.60 0.52
C ARG A 46 1.47 -5.59 -0.15
N VAL A 47 0.82 -6.37 0.69
CA VAL A 47 0.03 -7.47 0.23
C VAL A 47 -1.44 -7.14 0.11
N GLN A 48 -1.91 -7.14 -1.15
CA GLN A 48 -3.34 -6.84 -1.44
C GLN A 48 -4.26 -7.95 -1.06
N PHE A 49 -5.43 -7.60 -0.51
CA PHE A 49 -6.56 -8.53 -0.45
C PHE A 49 -7.90 -7.73 -0.62
N MET A 50 -8.96 -8.45 -0.87
CA MET A 50 -10.31 -7.87 -1.01
C MET A 50 -11.13 -8.25 0.20
N MET A 51 -11.72 -7.23 0.80
CA MET A 51 -12.46 -7.41 2.04
C MET A 51 -13.65 -8.36 1.89
N GLU A 52 -14.33 -8.27 0.75
CA GLU A 52 -15.52 -9.05 0.47
C GLU A 52 -15.21 -10.52 0.29
N ARG A 53 -13.96 -10.83 -0.05
CA ARG A 53 -13.50 -12.24 -0.10
C ARG A 53 -13.09 -12.75 1.27
N LEU A 54 -12.48 -11.92 2.11
CA LEU A 54 -12.17 -12.30 3.47
C LEU A 54 -13.43 -12.47 4.31
N LEU A 55 -14.41 -11.60 4.04
CA LEU A 55 -15.61 -11.41 4.89
C LEU A 55 -16.86 -11.52 3.99
N PRO A 56 -17.34 -12.75 3.78
CA PRO A 56 -18.37 -12.97 2.77
C PRO A 56 -19.75 -12.49 3.15
N ASP A 57 -19.98 -12.26 4.44
CA ASP A 57 -21.32 -11.85 4.97
C ASP A 57 -21.29 -10.38 5.14
N SER A 58 -20.79 -9.94 6.29
CA SER A 58 -20.60 -8.53 6.60
C SER A 58 -19.23 -8.32 7.17
N MET A 59 -18.82 -7.06 7.23
CA MET A 59 -17.45 -6.81 7.65
C MET A 59 -17.18 -7.04 9.12
N THR A 60 -18.21 -7.22 9.93
CA THR A 60 -18.08 -7.60 11.32
C THR A 60 -18.36 -9.09 11.54
N GLY A 61 -18.64 -9.82 10.48
CA GLY A 61 -18.94 -11.24 10.57
C GLY A 61 -17.71 -12.16 10.59
N SER A 62 -17.94 -13.43 10.33
CA SER A 62 -16.85 -14.39 10.35
C SER A 62 -16.20 -14.49 8.96
N TYR A 63 -15.05 -15.13 8.93
CA TYR A 63 -14.16 -15.12 7.81
C TYR A 63 -14.38 -16.26 6.93
N ASP A 64 -13.99 -16.07 5.67
CA ASP A 64 -13.69 -17.19 4.82
C ASP A 64 -12.33 -17.68 5.29
N GLU A 65 -12.32 -18.81 6.00
CA GLU A 65 -11.09 -19.18 6.70
C GLU A 65 -10.03 -19.63 5.71
N GLU A 66 -10.44 -20.09 4.52
CA GLU A 66 -9.51 -20.50 3.45
C GLU A 66 -8.87 -19.30 2.73
N TYR A 67 -9.67 -18.28 2.44
CA TYR A 67 -9.09 -16.98 2.00
C TYR A 67 -8.15 -16.40 3.04
N LEU A 68 -8.57 -16.36 4.30
CA LEU A 68 -7.72 -15.88 5.35
C LEU A 68 -6.46 -16.70 5.50
N ALA A 69 -6.63 -18.03 5.52
CA ALA A 69 -5.45 -18.90 5.56
C ALA A 69 -4.49 -18.60 4.46
N ASN A 70 -4.96 -18.38 3.24
CA ASN A 70 -4.06 -18.06 2.16
C ASN A 70 -3.39 -16.69 2.31
N LEU A 71 -4.11 -15.73 2.83
CA LEU A 71 -3.51 -14.40 3.04
C LEU A 71 -2.38 -14.51 4.08
N THR A 72 -2.71 -15.16 5.18
CA THR A 72 -1.73 -15.37 6.26
C THR A 72 -0.50 -16.14 5.74
N THR A 73 -0.69 -17.05 4.80
CA THR A 73 0.48 -17.77 4.23
C THR A 73 1.47 -16.85 3.50
N VAL A 74 0.91 -15.89 2.76
CA VAL A 74 1.68 -14.96 2.06
C VAL A 74 2.36 -14.01 3.06
N ILE A 75 1.61 -13.53 4.06
CA ILE A 75 2.18 -12.67 5.08
C ILE A 75 3.36 -13.40 5.77
N LYS A 76 3.12 -14.65 6.17
CA LYS A 76 4.17 -15.40 6.83
C LYS A 76 5.35 -15.67 5.96
N ALA A 77 5.18 -15.86 4.65
CA ALA A 77 6.33 -16.02 3.78
C ALA A 77 7.22 -14.76 3.80
N VAL A 78 6.56 -13.60 3.82
CA VAL A 78 7.24 -12.37 3.93
C VAL A 78 7.92 -12.26 5.27
N THR A 79 7.22 -12.46 6.39
CA THR A 79 7.79 -12.14 7.74
C THR A 79 8.91 -13.18 8.11
N ASP A 80 8.69 -14.43 7.75
CA ASP A 80 9.75 -15.45 7.86
C ASP A 80 10.95 -15.15 7.03
N GLY A 81 10.82 -14.50 5.88
CA GLY A 81 12.02 -14.05 5.11
C GLY A 81 12.74 -12.84 5.72
N GLY A 82 12.24 -12.37 6.88
CA GLY A 82 12.79 -11.24 7.55
C GLY A 82 12.23 -9.92 7.09
N ALA A 83 11.24 -9.93 6.21
CA ALA A 83 10.75 -8.66 5.63
C ALA A 83 9.48 -8.22 6.30
N HIS A 84 9.15 -6.92 6.19
CA HIS A 84 7.87 -6.37 6.72
C HIS A 84 6.74 -6.61 5.70
N ALA A 85 5.59 -6.96 6.23
CA ALA A 85 4.42 -7.18 5.40
C ALA A 85 3.31 -6.20 5.84
N LEU A 86 2.94 -5.35 4.89
CA LEU A 86 1.82 -4.42 5.09
C LEU A 86 0.56 -5.07 4.49
N VAL A 87 -0.41 -5.27 5.36
CA VAL A 87 -1.66 -5.91 5.10
C VAL A 87 -2.60 -4.82 4.55
N ASP A 88 -2.99 -4.94 3.29
CA ASP A 88 -3.73 -3.89 2.54
C ASP A 88 -5.12 -4.39 2.09
N PRO A 89 -6.19 -4.01 2.81
CA PRO A 89 -7.57 -4.23 2.40
C PRO A 89 -7.80 -3.25 1.23
N HIS A 90 -7.71 -3.78 0.03
CA HIS A 90 -7.57 -2.93 -1.16
C HIS A 90 -8.97 -2.46 -1.63
N ASN A 91 -9.63 -1.62 -0.81
CA ASN A 91 -11.05 -1.53 -0.87
C ASN A 91 -11.61 -0.15 -1.16
N TYR A 92 -10.77 0.86 -1.28
CA TYR A 92 -11.29 2.18 -1.73
C TYR A 92 -12.32 2.79 -0.81
N GLY A 93 -12.30 2.39 0.45
CA GLY A 93 -13.23 2.96 1.43
C GLY A 93 -14.66 2.45 1.29
N ARG A 94 -14.79 1.34 0.61
CA ARG A 94 -16.09 0.76 0.16
C ARG A 94 -16.09 -0.73 0.49
N TYR A 95 -17.28 -1.22 0.78
CA TYR A 95 -17.54 -2.62 1.11
C TYR A 95 -18.83 -2.97 0.41
N ASN A 96 -18.79 -4.01 -0.45
CA ASN A 96 -19.92 -4.34 -1.32
C ASN A 96 -20.41 -3.18 -2.18
N GLY A 97 -19.49 -2.35 -2.62
CA GLY A 97 -19.78 -1.25 -3.51
C GLY A 97 -20.30 0.01 -2.88
N GLU A 98 -20.57 0.02 -1.57
CA GLU A 98 -21.05 1.20 -0.91
C GLU A 98 -19.96 1.74 0.02
N ILE A 99 -19.86 3.05 0.10
CA ILE A 99 -19.01 3.72 1.09
C ILE A 99 -19.21 3.18 2.52
N ILE A 100 -18.11 2.93 3.26
CA ILE A 100 -18.13 2.52 4.65
C ILE A 100 -18.46 3.71 5.57
N SER A 101 -19.75 3.93 5.78
CA SER A 101 -20.18 5.01 6.69
C SER A 101 -20.22 4.62 8.15
N SER A 102 -20.30 3.32 8.45
CA SER A 102 -20.24 2.91 9.85
C SER A 102 -18.84 2.77 10.43
N THR A 103 -18.45 3.79 11.15
CA THR A 103 -17.19 3.97 11.81
C THR A 103 -17.05 2.81 12.87
N SER A 104 -18.18 2.41 13.46
CA SER A 104 -18.13 1.33 14.45
C SER A 104 -17.88 -0.04 13.80
N ASP A 105 -18.60 -0.33 12.75
CA ASP A 105 -18.37 -1.57 11.98
C ASP A 105 -16.93 -1.70 11.48
N PHE A 106 -16.35 -0.60 10.98
CA PHE A 106 -14.98 -0.61 10.50
C PHE A 106 -14.03 -0.82 11.64
N GLN A 107 -14.32 -0.20 12.79
CA GLN A 107 -13.51 -0.47 13.99
C GLN A 107 -13.48 -1.95 14.42
N THR A 108 -14.65 -2.57 14.44
CA THR A 108 -14.75 -4.03 14.71
C THR A 108 -14.03 -4.88 13.65
N PHE A 109 -14.22 -4.52 12.38
CA PHE A 109 -13.48 -5.17 11.31
C PHE A 109 -11.98 -5.19 11.60
N TRP A 110 -11.38 -4.06 11.93
CA TRP A 110 -9.99 -4.02 12.22
C TRP A 110 -9.61 -4.66 13.57
N GLU A 111 -10.53 -4.65 14.49
CA GLU A 111 -10.18 -5.27 15.74
C GLU A 111 -10.02 -6.75 15.50
N ASN A 112 -10.97 -7.31 14.75
CA ASN A 112 -10.92 -8.74 14.42
C ASN A 112 -9.69 -9.07 13.61
N LEU A 113 -9.44 -8.30 12.56
CA LEU A 113 -8.28 -8.61 11.72
C LEU A 113 -6.95 -8.43 12.39
N ALA A 114 -6.75 -7.36 13.16
CA ALA A 114 -5.42 -7.22 13.76
C ALA A 114 -5.19 -8.32 14.85
N GLY A 115 -6.29 -8.81 15.37
CA GLY A 115 -6.28 -9.99 16.24
C GLY A 115 -5.51 -11.17 15.64
N GLN A 116 -5.67 -11.39 14.32
CA GLN A 116 -4.95 -12.47 13.61
C GLN A 116 -3.45 -12.31 13.63
N TYR A 117 -3.01 -11.05 13.71
CA TYR A 117 -1.63 -10.71 13.44
C TYR A 117 -0.96 -10.05 14.65
N LYS A 118 -1.66 -9.89 15.76
CA LYS A 118 -1.12 -9.09 16.83
C LYS A 118 0.28 -9.55 17.31
N ASP A 119 0.62 -10.83 17.22
CA ASP A 119 1.92 -11.24 17.72
C ASP A 119 3.00 -11.32 16.66
N ASN A 120 2.75 -10.77 15.45
CA ASN A 120 3.78 -10.74 14.43
C ASN A 120 4.31 -9.35 14.31
N ASP A 121 5.54 -9.18 14.78
CA ASP A 121 6.20 -7.89 14.91
C ASP A 121 6.59 -7.38 13.58
N LEU A 122 6.51 -8.21 12.55
CA LEU A 122 6.91 -7.76 11.24
C LEU A 122 5.67 -7.37 10.35
N VAL A 123 4.50 -7.45 10.93
CA VAL A 123 3.27 -7.01 10.21
C VAL A 123 3.04 -5.53 10.43
N MET A 124 2.54 -4.88 9.38
CA MET A 124 2.05 -3.53 9.46
C MET A 124 0.61 -3.55 8.88
N PHE A 125 -0.21 -2.57 9.24
CA PHE A 125 -1.61 -2.51 8.84
C PHE A 125 -1.91 -1.25 8.04
N ASP A 126 -2.50 -1.44 6.87
CA ASP A 126 -2.89 -0.31 5.98
C ASP A 126 -4.38 -0.15 6.17
N THR A 127 -4.89 1.02 6.62
CA THR A 127 -6.25 1.08 6.99
C THR A 127 -7.21 0.72 5.84
N ASN A 128 -6.91 1.28 4.66
CA ASN A 128 -7.65 0.94 3.43
C ASN A 128 -6.92 1.59 2.26
N ASN A 129 -6.96 0.94 1.10
CA ASN A 129 -6.36 1.48 -0.10
C ASN A 129 -7.24 2.58 -0.73
N GLU A 130 -6.66 3.74 -0.90
CA GLU A 130 -7.21 4.82 -1.78
C GLU A 130 -8.70 5.19 -1.55
N TYR A 131 -8.97 5.73 -0.40
CA TYR A 131 -10.18 6.45 -0.18
C TYR A 131 -10.39 7.48 -1.29
N HIS A 132 -11.64 7.66 -1.73
CA HIS A 132 -11.88 8.65 -2.80
C HIS A 132 -13.38 8.95 -2.88
N ASP A 133 -13.71 10.14 -3.39
CA ASP A 133 -15.08 10.51 -3.69
C ASP A 133 -16.02 10.27 -2.53
N MET A 134 -15.59 10.80 -1.38
CA MET A 134 -16.32 10.59 -0.12
C MET A 134 -15.99 11.68 0.87
N ASP A 135 -16.81 11.72 1.90
CA ASP A 135 -16.70 12.81 2.86
C ASP A 135 -15.34 12.87 3.54
N GLN A 136 -14.72 14.04 3.57
CA GLN A 136 -13.39 14.14 4.10
C GLN A 136 -13.32 13.91 5.64
N ASP A 137 -14.43 14.23 6.31
CA ASP A 137 -14.54 13.94 7.78
C ASP A 137 -14.66 12.44 8.02
N LEU A 138 -15.37 11.75 7.13
CA LEU A 138 -15.54 10.29 7.19
C LEU A 138 -14.17 9.66 6.98
N VAL A 139 -13.37 10.18 6.04
CA VAL A 139 -12.05 9.62 5.79
C VAL A 139 -11.25 9.63 7.06
N LEU A 140 -11.21 10.79 7.71
CA LEU A 140 -10.49 10.91 8.97
C LEU A 140 -11.03 9.93 10.00
N ASN A 141 -12.33 9.89 10.16
CA ASN A 141 -12.87 9.06 11.22
C ASN A 141 -12.70 7.57 10.92
N LEU A 142 -12.67 7.17 9.64
CA LEU A 142 -12.44 5.74 9.32
C LEU A 142 -11.04 5.36 9.62
N ASN A 143 -10.07 6.24 9.35
CA ASN A 143 -8.71 5.95 9.69
C ASN A 143 -8.52 5.85 11.24
N GLN A 144 -9.17 6.75 11.95
CA GLN A 144 -9.06 6.69 13.45
C GLN A 144 -9.82 5.44 13.98
N ALA A 145 -10.93 5.06 13.39
CA ALA A 145 -11.61 3.82 13.73
C ALA A 145 -10.70 2.57 13.52
N ALA A 146 -9.90 2.59 12.45
CA ALA A 146 -8.95 1.53 12.18
C ALA A 146 -7.87 1.49 13.27
N ILE A 147 -7.23 2.62 13.52
CA ILE A 147 -6.19 2.69 14.59
C ILE A 147 -6.80 2.22 15.95
N ASN A 148 -8.00 2.67 16.29
CA ASN A 148 -8.67 2.29 17.56
C ASN A 148 -8.87 0.78 17.63
N GLY A 149 -9.44 0.20 16.57
CA GLY A 149 -9.66 -1.25 16.54
C GLY A 149 -8.36 -2.04 16.60
N ILE A 150 -7.35 -1.61 15.83
CA ILE A 150 -6.11 -2.33 15.81
C ILE A 150 -5.51 -2.38 17.22
N ARG A 151 -5.57 -1.26 17.93
CA ARG A 151 -4.95 -1.20 19.29
C ARG A 151 -5.79 -1.93 20.33
N ALA A 152 -7.08 -1.87 20.21
CA ALA A 152 -7.97 -2.58 21.05
C ALA A 152 -7.71 -4.08 20.97
N ALA A 153 -7.22 -4.57 19.83
CA ALA A 153 -6.96 -5.99 19.67
C ALA A 153 -5.72 -6.47 20.36
N GLY A 154 -4.89 -5.58 20.85
CA GLY A 154 -3.61 -5.96 21.40
C GLY A 154 -2.48 -5.88 20.43
N ALA A 155 -2.74 -5.39 19.22
CA ALA A 155 -1.64 -5.27 18.28
C ALA A 155 -0.92 -3.96 18.55
N THR A 156 0.19 -3.98 19.31
CA THR A 156 0.79 -2.74 19.75
C THR A 156 2.15 -2.49 19.23
N SER A 157 2.81 -3.49 18.68
CA SER A 157 4.11 -3.23 18.09
C SER A 157 4.01 -2.70 16.66
N GLN A 158 2.85 -2.89 16.02
CA GLN A 158 2.78 -2.71 14.56
C GLN A 158 2.57 -1.24 14.16
N TYR A 159 3.26 -0.82 13.12
CA TYR A 159 2.98 0.48 12.42
C TYR A 159 1.62 0.41 11.73
N ILE A 160 0.91 1.57 11.71
CA ILE A 160 -0.35 1.69 11.02
C ILE A 160 -0.20 2.74 9.94
N PHE A 161 -0.40 2.30 8.71
CA PHE A 161 -0.28 3.11 7.50
C PHE A 161 -1.68 3.63 7.22
N VAL A 162 -1.81 4.94 7.28
CA VAL A 162 -3.09 5.56 7.11
C VAL A 162 -3.13 6.16 5.65
N GLU A 163 -4.32 6.19 5.07
CA GLU A 163 -4.47 6.74 3.70
C GLU A 163 -5.50 7.88 3.72
N GLY A 164 -5.26 8.88 2.88
CA GLY A 164 -6.28 9.92 2.74
C GLY A 164 -7.14 9.80 1.52
N ASN A 165 -7.86 10.90 1.28
CA ASN A 165 -8.82 11.00 0.19
C ASN A 165 -8.05 11.34 -1.10
N SER A 166 -8.78 11.50 -2.22
CA SER A 166 -8.17 11.72 -3.54
C SER A 166 -7.14 10.62 -3.92
N TRP A 167 -7.54 9.42 -3.63
CA TRP A 167 -6.79 8.19 -3.94
C TRP A 167 -5.42 8.20 -3.25
N THR A 168 -5.40 8.88 -2.12
CA THR A 168 -4.24 9.14 -1.28
C THR A 168 -3.08 9.68 -2.07
N GLY A 169 -3.38 10.50 -3.08
CA GLY A 169 -2.36 10.99 -3.89
C GLY A 169 -1.44 11.98 -3.25
N ALA A 170 -0.15 11.89 -3.53
CA ALA A 170 0.80 12.91 -2.98
C ALA A 170 0.60 14.27 -3.58
N TRP A 171 0.39 14.30 -4.87
CA TRP A 171 0.25 15.62 -5.57
C TRP A 171 -1.00 16.42 -5.20
N THR A 172 -2.04 15.82 -4.62
CA THR A 172 -3.22 16.51 -4.14
C THR A 172 -3.34 16.61 -2.61
N TRP A 173 -2.36 16.05 -1.87
CA TRP A 173 -2.47 15.85 -0.41
C TRP A 173 -2.87 17.14 0.31
N VAL A 174 -2.12 18.18 0.04
CA VAL A 174 -2.26 19.41 0.83
C VAL A 174 -3.60 20.13 0.51
N ASP A 175 -4.20 19.86 -0.66
CA ASP A 175 -5.50 20.48 -1.02
C ASP A 175 -6.73 19.83 -0.39
N VAL A 176 -6.66 18.53 -0.01
CA VAL A 176 -7.78 17.76 0.46
C VAL A 176 -7.67 17.17 1.90
N ASN A 177 -6.45 16.81 2.30
CA ASN A 177 -6.21 15.87 3.41
C ASN A 177 -5.52 16.52 4.57
N ASP A 178 -5.54 17.85 4.63
CA ASP A 178 -5.05 18.51 5.82
C ASP A 178 -5.63 18.01 7.16
N ASN A 179 -6.89 17.68 7.26
CA ASN A 179 -7.42 17.20 8.52
C ASN A 179 -6.75 15.91 8.99
N MET A 180 -6.10 15.15 8.08
CA MET A 180 -5.47 13.86 8.49
C MET A 180 -4.38 14.05 9.56
N LYS A 181 -3.83 15.25 9.69
CA LYS A 181 -2.87 15.52 10.81
C LYS A 181 -3.45 15.23 12.17
N ASN A 182 -4.78 15.21 12.30
CA ASN A 182 -5.40 15.07 13.61
C ASN A 182 -5.41 13.64 14.15
N LEU A 183 -4.85 12.68 13.39
CA LEU A 183 -4.95 11.28 13.81
C LEU A 183 -3.97 11.07 14.98
N THR A 184 -4.43 10.31 15.97
CA THR A 184 -3.64 9.93 17.14
C THR A 184 -3.55 8.40 17.35
N ASP A 185 -2.40 7.94 17.83
CA ASP A 185 -2.14 6.53 18.12
C ASP A 185 -1.43 6.42 19.51
N PRO A 186 -1.97 5.61 20.44
CA PRO A 186 -1.29 5.44 21.76
C PRO A 186 0.12 4.94 21.63
N GLU A 187 0.41 4.21 20.55
CA GLU A 187 1.76 3.73 20.30
C GLU A 187 2.60 4.62 19.49
N ASP A 188 2.02 5.73 19.03
CA ASP A 188 2.76 6.67 18.18
C ASP A 188 3.49 6.02 16.97
N LYS A 189 2.77 5.19 16.18
CA LYS A 189 3.39 4.52 15.07
C LYS A 189 2.53 4.68 13.80
N ILE A 190 1.95 5.88 13.60
CA ILE A 190 1.22 6.20 12.36
C ILE A 190 2.21 6.59 11.28
N VAL A 191 1.95 6.15 10.03
CA VAL A 191 2.75 6.48 8.92
C VAL A 191 1.71 6.87 7.79
N TYR A 192 1.98 8.01 7.17
CA TYR A 192 1.02 8.58 6.15
C TYR A 192 1.49 8.00 4.80
N GLU A 193 0.62 7.17 4.27
CA GLU A 193 0.87 6.51 2.99
C GLU A 193 0.19 7.23 1.84
N MET A 194 1.00 7.70 0.94
CA MET A 194 0.56 8.37 -0.29
C MET A 194 1.02 7.54 -1.51
N HIS A 195 0.27 7.70 -2.63
CA HIS A 195 0.55 7.08 -3.88
C HIS A 195 0.89 8.15 -4.86
N GLN A 196 1.77 7.84 -5.83
CA GLN A 196 2.06 8.78 -6.86
C GLN A 196 2.51 8.15 -8.18
N TYR A 197 1.82 8.51 -9.26
CA TYR A 197 2.22 8.04 -10.57
C TYR A 197 2.62 9.26 -11.40
N LEU A 198 3.21 8.99 -12.56
CA LEU A 198 4.02 9.96 -13.35
C LEU A 198 3.47 10.28 -14.76
N ASP A 199 2.32 9.70 -15.08
CA ASP A 199 1.73 9.93 -16.39
C ASP A 199 0.93 11.21 -16.36
N SER A 200 0.45 11.63 -17.52
CA SER A 200 -0.18 12.97 -17.64
C SER A 200 -1.20 13.18 -16.60
N ASP A 201 -2.10 12.22 -16.40
CA ASP A 201 -3.17 12.41 -15.43
C ASP A 201 -2.94 11.81 -14.03
N GLY A 202 -1.77 11.27 -13.78
CA GLY A 202 -1.51 10.62 -12.48
C GLY A 202 -2.30 9.35 -12.19
N SER A 203 -2.96 8.79 -13.19
CA SER A 203 -3.78 7.59 -13.01
C SER A 203 -2.89 6.31 -12.98
N GLY A 204 -1.67 6.40 -13.46
CA GLY A 204 -0.81 5.24 -13.48
C GLY A 204 -1.27 4.19 -14.51
N THR A 205 -1.77 4.70 -15.65
CA THR A 205 -2.31 3.84 -16.75
C THR A 205 -1.51 3.92 -18.03
N SER A 206 -0.58 4.86 -18.14
CA SER A 206 0.26 4.96 -19.33
C SER A 206 1.68 4.70 -18.96
N GLU A 207 2.41 4.11 -19.90
CA GLU A 207 3.86 3.99 -19.89
C GLU A 207 4.60 5.29 -19.95
N THR A 208 3.97 6.34 -20.43
CA THR A 208 4.70 7.55 -20.72
C THR A 208 4.62 8.55 -19.56
N CYS A 209 5.78 9.05 -19.12
CA CYS A 209 5.88 10.01 -18.00
C CYS A 209 5.86 11.40 -18.56
N VAL A 210 5.36 12.38 -17.80
CA VAL A 210 5.24 13.73 -18.30
C VAL A 210 6.64 14.26 -18.66
N SER A 211 7.60 14.03 -17.80
CA SER A 211 8.92 14.63 -17.93
C SER A 211 9.89 13.95 -17.04
N GLU A 212 11.14 14.34 -17.20
CA GLU A 212 12.18 13.80 -16.41
C GLU A 212 12.11 14.20 -14.97
N THR A 213 11.37 15.24 -14.61
CA THR A 213 11.36 15.73 -13.23
C THR A 213 9.98 15.64 -12.58
N ILE A 214 9.01 15.03 -13.27
CA ILE A 214 7.61 15.06 -12.79
C ILE A 214 7.36 14.40 -11.44
N GLY A 215 8.24 13.42 -11.12
CA GLY A 215 8.06 12.65 -9.90
C GLY A 215 8.40 13.46 -8.66
N LYS A 216 9.55 14.09 -8.72
CA LYS A 216 9.95 15.05 -7.70
C LYS A 216 8.92 16.17 -7.48
N GLU A 217 8.47 16.74 -8.59
CA GLU A 217 7.45 17.82 -8.57
C GLU A 217 6.17 17.41 -7.93
N ARG A 218 5.75 16.17 -8.17
CA ARG A 218 4.55 15.67 -7.54
C ARG A 218 4.64 15.28 -6.08
N VAL A 219 5.83 15.19 -5.49
CA VAL A 219 5.93 14.85 -4.06
C VAL A 219 6.44 16.03 -3.19
N THR A 220 6.77 17.14 -3.83
CA THR A 220 7.30 18.31 -3.10
C THR A 220 6.39 18.88 -2.01
N GLU A 221 5.16 19.23 -2.37
CA GLU A 221 4.27 19.76 -1.35
C GLU A 221 3.97 18.81 -0.22
N ALA A 222 3.82 17.52 -0.51
CA ALA A 222 3.56 16.51 0.56
C ALA A 222 4.72 16.44 1.56
N THR A 223 5.90 16.57 1.04
CA THR A 223 7.11 16.47 1.81
C THR A 223 7.10 17.64 2.82
N GLN A 224 6.79 18.84 2.33
CA GLN A 224 6.71 20.02 3.22
C GLN A 224 5.57 19.88 4.20
N TRP A 225 4.43 19.32 3.79
CA TRP A 225 3.38 19.06 4.73
C TRP A 225 3.79 18.16 5.90
N LEU A 226 4.50 17.07 5.56
CA LEU A 226 4.95 16.11 6.58
C LEU A 226 5.90 16.79 7.58
N LYS A 227 6.82 17.56 7.02
CA LYS A 227 7.74 18.34 7.88
C LYS A 227 7.01 19.30 8.81
N ASP A 228 6.05 20.01 8.26
CA ASP A 228 5.45 21.06 8.97
C ASP A 228 4.59 20.52 10.06
N ASN A 229 4.08 19.31 9.88
CA ASN A 229 3.12 18.77 10.79
C ASN A 229 3.79 17.70 11.61
N LYS A 230 5.09 17.60 11.47
CA LYS A 230 5.90 16.61 12.18
C LYS A 230 5.36 15.17 12.08
N LYS A 231 5.13 14.76 10.83
CA LYS A 231 4.67 13.41 10.52
C LYS A 231 5.70 12.69 9.67
N VAL A 232 5.49 11.36 9.51
CA VAL A 232 6.31 10.56 8.63
C VAL A 232 5.38 9.96 7.54
N GLY A 233 5.96 9.80 6.37
CA GLY A 233 5.18 9.22 5.19
C GLY A 233 5.85 8.04 4.52
N PHE A 234 5.18 7.49 3.51
CA PHE A 234 5.68 6.37 2.74
C PHE A 234 4.92 6.48 1.37
N ILE A 235 5.60 6.24 0.28
CA ILE A 235 5.01 6.11 -1.06
C ILE A 235 4.65 4.64 -1.26
N GLY A 236 3.41 4.31 -0.99
CA GLY A 236 2.89 2.94 -0.99
C GLY A 236 2.66 2.37 -2.40
N GLU A 237 2.56 3.25 -3.40
CA GLU A 237 2.52 2.92 -4.84
C GLU A 237 3.14 3.97 -5.66
N TYR A 238 4.05 3.57 -6.53
CA TYR A 238 4.57 4.36 -7.58
C TYR A 238 5.03 3.44 -8.69
N ALA A 239 5.15 3.98 -9.88
CA ALA A 239 5.72 3.27 -11.04
C ALA A 239 5.96 4.22 -12.16
N GLY A 240 6.61 3.70 -13.16
CA GLY A 240 6.88 4.39 -14.36
C GLY A 240 7.23 3.35 -15.40
N GLY A 241 7.06 3.75 -16.65
CA GLY A 241 7.39 2.89 -17.80
C GLY A 241 8.87 2.57 -17.95
N SER A 242 9.16 1.51 -18.69
CA SER A 242 10.53 1.11 -18.94
C SER A 242 11.04 1.86 -20.15
N ASN A 243 11.42 3.10 -19.92
CA ASN A 243 11.86 3.99 -21.02
C ASN A 243 12.61 5.11 -20.39
N ASP A 244 13.43 5.84 -21.16
CA ASP A 244 14.43 6.76 -20.55
C ASP A 244 13.87 7.96 -19.74
N VAL A 245 12.77 8.51 -20.23
CA VAL A 245 12.13 9.61 -19.56
C VAL A 245 11.63 9.16 -18.21
N CYS A 246 10.89 8.05 -18.15
CA CYS A 246 10.42 7.53 -16.82
C CYS A 246 11.50 7.06 -15.91
N ARG A 247 12.55 6.47 -16.47
CA ARG A 247 13.64 6.07 -15.62
C ARG A 247 14.20 7.32 -14.95
N SER A 248 14.25 8.41 -15.68
CA SER A 248 14.78 9.62 -15.13
C SER A 248 13.83 10.19 -14.05
N ALA A 249 12.52 10.15 -14.31
CA ALA A 249 11.54 10.61 -13.37
C ALA A 249 11.54 9.81 -12.08
N VAL A 250 11.54 8.47 -12.18
CA VAL A 250 11.54 7.60 -10.99
C VAL A 250 12.77 7.85 -10.13
N SER A 251 13.88 7.89 -10.80
CA SER A 251 15.16 8.12 -10.16
C SER A 251 15.21 9.41 -9.37
N GLY A 252 14.72 10.48 -10.01
CA GLY A 252 14.68 11.79 -9.40
C GLY A 252 13.73 11.86 -8.27
N MET A 253 12.62 11.19 -8.42
CA MET A 253 11.73 11.15 -7.34
C MET A 253 12.38 10.46 -6.12
N LEU A 254 13.02 9.31 -6.37
CA LEU A 254 13.57 8.58 -5.23
C LEU A 254 14.76 9.34 -4.63
N GLU A 255 15.55 9.95 -5.47
CA GLU A 255 16.66 10.74 -4.94
C GLU A 255 16.16 11.88 -4.05
N TYR A 256 15.08 12.56 -4.46
CA TYR A 256 14.54 13.63 -3.66
C TYR A 256 14.07 13.08 -2.34
N MET A 257 13.43 11.91 -2.35
CA MET A 257 12.92 11.39 -1.14
C MET A 257 14.06 11.01 -0.22
N ALA A 258 15.12 10.51 -0.82
CA ALA A 258 16.30 10.02 -0.08
C ALA A 258 16.94 11.22 0.65
N ASN A 259 16.69 12.43 0.16
CA ASN A 259 17.24 13.68 0.76
C ASN A 259 16.32 14.15 1.84
N ASN A 260 15.21 13.44 2.12
CA ASN A 260 14.20 13.87 3.01
C ASN A 260 13.72 12.69 3.77
N THR A 261 14.71 11.86 4.21
CA THR A 261 14.40 10.69 5.05
C THR A 261 13.99 11.06 6.42
N ASP A 262 14.18 12.30 6.84
CA ASP A 262 13.42 12.75 7.99
C ASP A 262 11.93 12.56 7.92
N VAL A 263 11.32 12.62 6.72
CA VAL A 263 9.84 12.36 6.63
C VAL A 263 9.47 11.11 5.80
N TRP A 264 10.25 10.81 4.78
CA TRP A 264 10.00 9.64 3.88
C TRP A 264 10.65 8.39 4.43
N LYS A 265 9.81 7.45 4.84
CA LYS A 265 10.26 6.13 5.33
C LYS A 265 10.54 5.09 4.25
N GLY A 266 10.24 5.39 2.98
CA GLY A 266 10.50 4.50 1.87
C GLY A 266 9.34 4.45 0.90
N ALA A 267 9.38 3.45 0.02
CA ALA A 267 8.37 3.33 -1.01
C ALA A 267 8.19 1.87 -1.41
N SER A 268 7.11 1.56 -2.14
CA SER A 268 6.87 0.23 -2.73
C SER A 268 6.35 0.40 -4.15
N TRP A 269 7.01 -0.22 -5.09
CA TRP A 269 6.67 -0.22 -6.49
C TRP A 269 5.33 -0.89 -6.71
N TRP A 270 4.51 -0.34 -7.62
CA TRP A 270 3.28 -1.00 -8.10
C TRP A 270 3.78 -1.63 -9.42
N ALA A 271 3.54 -2.94 -9.65
CA ALA A 271 3.56 -3.96 -8.66
C ALA A 271 4.15 -5.28 -9.11
N ALA A 272 4.35 -6.16 -8.13
CA ALA A 272 4.70 -7.57 -8.36
C ALA A 272 3.45 -8.41 -8.13
N GLY A 273 3.59 -9.73 -8.25
CA GLY A 273 2.50 -10.64 -8.27
C GLY A 273 2.44 -11.47 -9.57
N PRO A 274 1.71 -12.60 -9.51
CA PRO A 274 1.83 -13.64 -10.58
C PRO A 274 0.97 -13.55 -11.77
N TRP A 275 -0.02 -12.67 -11.77
CA TRP A 275 -0.96 -12.50 -12.88
C TRP A 275 -0.94 -11.17 -13.66
N TRP A 276 0.18 -10.49 -13.65
CA TRP A 276 0.32 -9.25 -14.41
C TRP A 276 0.64 -9.42 -15.88
N GLY A 277 1.26 -10.55 -16.25
CA GLY A 277 1.57 -10.77 -17.71
C GLY A 277 2.42 -9.64 -18.26
N ASP A 278 1.98 -9.05 -19.37
CA ASP A 278 2.76 -8.02 -20.02
C ASP A 278 2.42 -6.58 -19.53
N TYR A 279 1.97 -6.50 -18.30
CA TYR A 279 1.70 -5.22 -17.66
C TYR A 279 2.92 -4.33 -17.77
N ILE A 280 2.69 -3.09 -18.17
CA ILE A 280 3.72 -2.08 -18.28
C ILE A 280 4.59 -1.88 -17.03
N PHE A 281 4.07 -2.18 -15.81
CA PHE A 281 4.76 -1.92 -14.52
C PHE A 281 5.03 -3.21 -13.76
N SER A 282 4.90 -4.36 -14.42
CA SER A 282 5.18 -5.58 -13.69
C SER A 282 6.64 -5.74 -13.22
N LEU A 283 6.76 -5.94 -11.88
CA LEU A 283 8.01 -6.19 -11.19
C LEU A 283 8.14 -7.69 -10.81
N GLU A 284 7.25 -8.53 -11.37
CA GLU A 284 7.33 -9.95 -11.13
C GLU A 284 8.51 -10.63 -11.93
N PRO A 285 9.30 -11.35 -11.18
CA PRO A 285 10.37 -12.07 -11.86
C PRO A 285 9.90 -13.33 -12.59
N PRO A 286 10.46 -13.53 -13.82
CA PRO A 286 11.86 -13.42 -14.13
C PRO A 286 11.80 -12.37 -15.24
N ASP A 287 10.60 -12.01 -15.70
CA ASP A 287 10.45 -11.28 -16.95
C ASP A 287 9.45 -10.12 -16.97
N GLY A 288 9.02 -9.61 -15.80
CA GLY A 288 8.11 -8.44 -15.86
C GLY A 288 8.89 -7.26 -16.44
N THR A 289 8.18 -6.38 -17.16
CA THR A 289 8.75 -5.26 -17.87
C THR A 289 9.54 -4.39 -16.91
N ALA A 290 8.99 -4.14 -15.71
CA ALA A 290 9.75 -3.36 -14.73
C ALA A 290 10.80 -4.16 -14.04
N TYR A 291 10.56 -5.45 -13.84
CA TYR A 291 11.56 -6.35 -13.30
C TYR A 291 12.91 -6.24 -14.08
N THR A 292 12.83 -6.16 -15.40
CA THR A 292 14.04 -6.14 -16.23
C THR A 292 14.37 -4.70 -16.65
N GLY A 293 13.35 -3.85 -16.68
CA GLY A 293 13.50 -2.48 -17.21
C GLY A 293 13.84 -1.40 -16.22
N MET A 294 13.57 -1.65 -14.95
CA MET A 294 13.60 -0.59 -13.96
C MET A 294 14.29 -0.99 -12.72
N LEU A 295 14.39 -2.29 -12.49
CA LEU A 295 14.93 -2.73 -11.21
C LEU A 295 16.37 -2.26 -10.89
N ASP A 296 17.22 -2.13 -11.88
CA ASP A 296 18.55 -1.51 -11.66
C ASP A 296 18.51 -0.13 -10.97
N ILE A 297 17.47 0.68 -11.23
CA ILE A 297 17.26 1.98 -10.52
C ILE A 297 16.95 1.79 -9.06
N LEU A 298 16.10 0.82 -8.81
CA LEU A 298 15.68 0.55 -7.48
C LEU A 298 16.80 -0.03 -6.62
N GLU A 299 17.66 -0.88 -7.21
CA GLU A 299 18.79 -1.52 -6.49
C GLU A 299 19.71 -0.49 -5.81
N ALA A 300 19.71 0.76 -6.28
CA ALA A 300 20.38 1.84 -5.54
C ALA A 300 19.96 1.99 -4.06
N TYR A 301 18.76 1.54 -3.71
CA TYR A 301 18.21 1.71 -2.38
C TYR A 301 18.10 0.39 -1.71
N LEU A 302 18.72 -0.61 -2.29
CA LEU A 302 18.75 -1.92 -1.65
C LEU A 302 20.20 -2.33 -1.26
CA CA B . -20.66 -11.67 0.05
C1 PGE C . -7.21 7.29 -10.04
O1 PGE C . -7.45 5.94 -10.47
C2 PGE C . -6.03 7.28 -9.04
O2 PGE C . -4.84 6.60 -9.53
C3 PGE C . -4.14 5.81 -8.53
C4 PGE C . -3.60 6.73 -7.44
O4 PGE C . -0.89 9.71 -8.87
C6 PGE C . -1.77 10.03 -7.78
C5 PGE C . -2.22 8.76 -7.11
O3 PGE C . -3.11 7.99 -8.01
C1 PEG D . -2.92 1.63 -8.46
O1 PEG D . -3.51 2.74 -7.53
C2 PEG D . -3.16 1.95 -9.95
O2 PEG D . -4.50 2.41 -9.90
C3 PEG D . -5.47 1.33 -9.72
C4 PEG D . -6.13 1.36 -8.33
O4 PEG D . -6.17 2.81 -8.08
C1 PEG E . -6.39 -5.95 -13.83
O1 PEG E . -5.62 -6.68 -14.76
C2 PEG E . -5.88 -6.33 -12.44
O2 PEG E . -6.05 -5.19 -11.54
C3 PEG E . -7.10 -5.31 -10.55
C4 PEG E . -8.38 -4.69 -11.07
O4 PEG E . -9.30 -5.78 -11.13
C1 PEG F . -10.75 -11.50 -14.63
O1 PEG F . -11.19 -10.17 -14.55
C2 PEG F . -9.54 -11.70 -13.73
O2 PEG F . -8.32 -11.82 -14.51
C3 PEG F . -7.54 -10.63 -14.48
C4 PEG F . -6.15 -10.87 -15.09
O4 PEG F . -5.38 -9.69 -14.83
C1 PEG G . -6.37 14.36 -11.03
O1 PEG G . -6.46 13.74 -12.31
C2 PEG G . -5.96 15.78 -11.31
O2 PEG G . -5.59 16.43 -10.07
C3 PEG G . -4.91 17.64 -10.43
C4 PEG G . -4.60 18.48 -9.23
O4 PEG G . -3.18 18.74 -9.30
C1 NAG H . -5.47 -21.25 -2.06
C2 NAG H . -5.44 -22.59 -2.49
C3 NAG H . -6.75 -22.81 -3.21
C4 NAG H . -8.04 -22.24 -2.64
C5 NAG H . -7.84 -20.81 -2.09
C6 NAG H . -9.02 -20.15 -1.37
C7 NAG H . -3.01 -22.86 -3.04
C8 NAG H . -1.94 -22.69 -4.14
N2 NAG H . -4.29 -22.63 -3.42
O1 NAG H . -4.39 -21.09 -1.30
O3 NAG H . -6.92 -24.22 -3.06
O4 NAG H . -8.94 -22.25 -3.77
O5 NAG H . -6.69 -20.96 -1.29
O6 NAG H . -8.74 -18.70 -1.63
O7 NAG H . -2.66 -23.23 -1.93
C1 NAG I . -7.12 -24.65 -5.45
C2 NAG I . -6.83 -26.08 -5.61
C3 NAG I . -7.58 -26.44 -6.84
C4 NAG I . -9.05 -26.45 -6.54
C5 NAG I . -9.59 -25.29 -5.65
C6 NAG I . -10.44 -25.80 -4.40
C7 NAG I . -4.41 -26.19 -4.96
C8 NAG I . -2.98 -25.98 -5.62
N2 NAG I . -5.38 -26.06 -5.88
O1 NAG I . -6.48 -24.35 -4.26
O3 NAG I . -7.22 -27.76 -7.18
O4 NAG I . -9.60 -26.29 -7.81
O5 NAG I . -8.53 -24.32 -5.39
O6 NAG I . -9.73 -25.87 -3.13
O7 NAG I . -4.61 -26.50 -3.76
#